data_2X0C
#
_entry.id   2X0C
#
_cell.length_a   38.000
_cell.length_b   66.810
_cell.length_c   185.710
_cell.angle_alpha   90.00
_cell.angle_beta   90.00
_cell.angle_gamma   90.00
#
_symmetry.space_group_name_H-M   'P 21 21 21'
#
loop_
_entity.id
_entity.type
_entity.pdbx_description
1 polymer TALIN-1
2 water water
#
_entity_poly.entity_id   1
_entity_poly.type   'polypeptide(L)'
_entity_poly.pdbx_seq_one_letter_code
;GIDPFTKHGQKECDNALRQLETVRELLENPVQPINDMSYFGCLDSVMENSKVLGEAMTGISQNAKNGNLPEFGDAIATAS
KALCGFTEAAAQAAYLVGVSDPNSQAGQQGLVEPTQFARANQAIQMACQSLGEPGCTQAQVLSAATIVAKHTSALCNSCR
LASARTANPTAKRQFVQSAKEVANSTANLVKTIKALDGDFTEENRAQCRAATAPLLEAVDNLSAFASNPEFSSVPAQISP
EGRAAMEPIVISAKTMLESAGGLIQTARALAVNPRDPPRWSVLAGHSRTVSDSIKKLITSMRDKAPGQL
;
_entity_poly.pdbx_strand_id   A
#
# COMPACT_ATOMS: atom_id res chain seq x y z
N ILE A 2 9.53 25.63 23.18
CA ILE A 2 10.24 24.30 23.24
C ILE A 2 11.44 24.28 22.29
N ASP A 3 12.50 23.60 22.75
CA ASP A 3 13.70 23.63 22.01
C ASP A 3 13.47 22.70 20.82
N PRO A 4 14.17 22.95 19.73
CA PRO A 4 13.84 22.17 18.54
C PRO A 4 14.26 20.68 18.61
N PHE A 5 15.22 20.32 19.49
CA PHE A 5 15.65 18.90 19.52
C PHE A 5 14.61 18.05 20.21
N THR A 6 14.04 18.61 21.28
CA THR A 6 13.00 17.91 21.94
C THR A 6 11.76 17.88 21.05
N LYS A 7 11.47 18.97 20.32
CA LYS A 7 10.31 18.93 19.47
C LYS A 7 10.48 17.83 18.45
N HIS A 8 11.64 17.79 17.83
CA HIS A 8 11.93 16.79 16.80
C HIS A 8 11.80 15.35 17.30
N GLY A 9 12.39 15.07 18.48
CA GLY A 9 12.22 13.77 19.18
C GLY A 9 10.77 13.42 19.44
N GLN A 10 9.96 14.36 19.93
CA GLN A 10 8.59 14.08 20.18
C GLN A 10 7.77 13.89 18.86
N LYS A 11 8.16 14.59 17.81
CA LYS A 11 7.54 14.41 16.48
C LYS A 11 7.85 13.03 15.91
N GLU A 12 9.09 12.56 16.06
CA GLU A 12 9.39 11.16 15.71
C GLU A 12 8.41 10.19 16.38
N CYS A 13 8.14 10.39 17.68
CA CYS A 13 7.23 9.48 18.35
C CYS A 13 5.84 9.65 17.79
N ASP A 14 5.41 10.88 17.58
CA ASP A 14 4.03 11.05 17.03
C ASP A 14 3.90 10.42 15.62
N ASN A 15 4.91 10.66 14.75
CA ASN A 15 4.91 9.98 13.43
C ASN A 15 4.89 8.43 13.59
N ALA A 16 5.72 7.90 14.50
CA ALA A 16 5.69 6.46 14.74
C ALA A 16 4.23 6.01 15.18
N LEU A 17 3.58 6.72 16.15
CA LEU A 17 2.28 6.26 16.63
C LEU A 17 1.28 6.31 15.48
N ARG A 18 1.33 7.33 14.62
CA ARG A 18 0.42 7.40 13.39
C ARG A 18 0.65 6.18 12.48
N GLN A 19 1.90 5.90 12.21
CA GLN A 19 2.32 4.72 11.38
C GLN A 19 1.76 3.39 11.94
N LEU A 20 1.82 3.20 13.25
CA LEU A 20 1.28 1.95 13.85
C LEU A 20 -0.24 1.88 13.71
N GLU A 21 -0.91 3.01 13.90
CA GLU A 21 -2.35 3.07 13.66
C GLU A 21 -2.74 2.71 12.23
N THR A 22 -2.01 3.21 11.23
CA THR A 22 -2.29 2.86 9.84
C THR A 22 -2.03 1.37 9.65
N VAL A 23 -0.89 0.86 10.13
CA VAL A 23 -0.53 -0.51 9.79
C VAL A 23 -1.46 -1.53 10.48
N ARG A 24 -1.99 -1.16 11.65
CA ARG A 24 -2.84 -2.07 12.40
C ARG A 24 -4.09 -2.48 11.54
N GLU A 25 -4.54 -1.61 10.65
CA GLU A 25 -5.70 -1.90 9.78
C GLU A 25 -5.50 -3.19 8.98
N LEU A 26 -4.26 -3.50 8.64
CA LEU A 26 -3.91 -4.76 7.92
C LEU A 26 -4.39 -5.96 8.67
N LEU A 27 -4.54 -5.82 9.99
CA LEU A 27 -4.98 -6.97 10.74
C LEU A 27 -6.52 -7.07 10.91
N GLU A 28 -7.24 -6.08 10.44
CA GLU A 28 -8.68 -6.05 10.82
C GLU A 28 -9.49 -7.14 10.12
N ASN A 29 -9.36 -7.28 8.80
CA ASN A 29 -10.14 -8.42 8.21
C ASN A 29 -9.36 -9.01 7.08
N PRO A 30 -8.37 -9.84 7.41
CA PRO A 30 -7.63 -9.98 6.18
C PRO A 30 -8.51 -10.89 5.28
N VAL A 31 -8.88 -10.39 4.14
CA VAL A 31 -9.62 -11.13 3.13
C VAL A 31 -8.97 -11.07 1.73
N GLN A 32 -7.72 -10.57 1.66
CA GLN A 32 -6.89 -10.51 0.43
C GLN A 32 -5.42 -10.62 0.85
N PRO A 33 -4.57 -11.11 -0.06
CA PRO A 33 -3.17 -11.10 0.32
C PRO A 33 -2.75 -9.66 0.47
N ILE A 34 -1.76 -9.46 1.33
CA ILE A 34 -1.29 -8.14 1.73
C ILE A 34 -0.16 -7.84 0.76
N ASN A 35 0.58 -8.86 0.36
CA ASN A 35 1.76 -8.62 -0.46
C ASN A 35 2.02 -9.91 -1.20
N ASP A 36 3.25 -10.16 -1.65
CA ASP A 36 3.52 -11.38 -2.38
C ASP A 36 4.39 -12.34 -1.72
N MET A 37 4.56 -12.19 -0.41
CA MET A 37 5.38 -13.13 0.29
C MET A 37 4.73 -14.48 0.34
N SER A 38 5.59 -15.50 0.28
CA SER A 38 5.20 -16.87 0.63
C SER A 38 5.10 -16.97 2.13
N TYR A 39 4.62 -18.10 2.64
CA TYR A 39 4.55 -18.27 4.08
C TYR A 39 5.92 -18.14 4.75
N PHE A 40 6.93 -18.77 4.18
CA PHE A 40 8.26 -18.75 4.77
C PHE A 40 8.88 -17.40 4.68
N GLY A 41 8.60 -16.67 3.61
CA GLY A 41 9.01 -15.28 3.41
C GLY A 41 8.46 -14.42 4.59
N CYS A 42 7.20 -14.67 5.01
CA CYS A 42 6.57 -13.94 6.17
C CYS A 42 7.30 -14.29 7.42
N LEU A 43 7.58 -15.58 7.60
CA LEU A 43 8.25 -16.03 8.80
C LEU A 43 9.69 -15.45 8.90
N ASP A 44 10.42 -15.52 7.77
CA ASP A 44 11.77 -14.91 7.64
C ASP A 44 11.73 -13.37 8.00
N SER A 45 10.72 -12.67 7.52
CA SER A 45 10.60 -11.25 7.76
C SER A 45 10.26 -10.95 9.26
N VAL A 46 9.41 -11.79 9.86
CA VAL A 46 9.05 -11.69 11.25
C VAL A 46 10.35 -11.90 12.10
N MET A 47 11.11 -12.94 11.79
CA MET A 47 12.36 -13.20 12.48
C MET A 47 13.30 -12.02 12.37
N GLU A 48 13.53 -11.48 11.17
CA GLU A 48 14.46 -10.38 10.94
C GLU A 48 13.97 -9.08 11.70
N ASN A 49 12.70 -8.75 11.53
CA ASN A 49 12.10 -7.66 12.27
C ASN A 49 12.07 -7.74 13.74
N SER A 50 11.98 -8.94 14.30
CA SER A 50 12.03 -9.06 15.70
C SER A 50 13.48 -8.80 16.23
N LYS A 51 14.53 -9.18 15.48
CA LYS A 51 15.88 -8.73 15.93
C LYS A 51 16.07 -7.18 15.83
N VAL A 52 15.65 -6.58 14.72
CA VAL A 52 15.83 -5.16 14.53
C VAL A 52 15.06 -4.44 15.67
N LEU A 53 13.82 -4.89 15.92
CA LEU A 53 12.99 -4.31 16.98
C LEU A 53 13.59 -4.40 18.36
N GLY A 54 14.08 -5.57 18.72
CA GLY A 54 14.62 -5.79 20.07
C GLY A 54 15.78 -4.81 20.33
N GLU A 55 16.59 -4.57 19.28
CA GLU A 55 17.70 -3.62 19.43
C GLU A 55 17.20 -2.18 19.55
N ALA A 56 16.23 -1.81 18.70
CA ALA A 56 15.69 -0.51 18.72
C ALA A 56 15.03 -0.22 20.12
N MET A 57 14.39 -1.22 20.69
CA MET A 57 13.72 -1.05 22.01
C MET A 57 14.77 -0.74 23.09
N THR A 58 15.92 -1.46 23.03
CA THR A 58 17.01 -1.17 23.98
C THR A 58 17.41 0.30 23.73
N GLY A 59 17.54 0.71 22.47
CA GLY A 59 18.01 2.05 22.18
C GLY A 59 16.99 3.15 22.61
N ILE A 60 15.71 2.84 22.55
CA ILE A 60 14.68 3.84 22.95
C ILE A 60 14.85 4.06 24.44
N SER A 61 14.93 2.98 25.24
CA SER A 61 15.00 3.21 26.68
C SER A 61 16.38 3.85 27.05
N GLN A 62 17.45 3.37 26.44
CA GLN A 62 18.82 3.86 26.84
C GLN A 62 18.98 5.33 26.52
N ASN A 63 18.58 5.73 25.33
CA ASN A 63 18.73 7.12 24.94
C ASN A 63 17.74 8.08 25.57
N ALA A 64 16.51 7.59 25.88
CA ALA A 64 15.63 8.52 26.65
C ALA A 64 16.26 8.66 28.04
N LYS A 65 16.77 7.55 28.63
CA LYS A 65 17.37 7.71 29.99
C LYS A 65 18.59 8.64 30.02
N ASN A 66 19.45 8.54 28.98
CA ASN A 66 20.73 9.28 29.02
C ASN A 66 20.66 10.61 28.35
N GLY A 67 19.52 10.90 27.77
CA GLY A 67 19.31 12.22 27.19
C GLY A 67 19.86 12.45 25.76
N ASN A 68 20.10 11.39 25.04
CA ASN A 68 20.67 11.52 23.69
C ASN A 68 19.48 11.61 22.73
N LEU A 69 19.00 12.78 22.43
CA LEU A 69 17.77 12.95 21.68
C LEU A 69 17.86 12.51 20.17
N PRO A 70 18.97 12.88 19.46
CA PRO A 70 19.08 12.41 18.05
C PRO A 70 19.05 10.91 17.98
N GLU A 71 19.75 10.20 18.89
CA GLU A 71 19.78 8.74 18.77
C GLU A 71 18.41 8.19 19.25
N PHE A 72 17.83 8.81 20.29
CA PHE A 72 16.43 8.37 20.71
C PHE A 72 15.48 8.41 19.53
N GLY A 73 15.49 9.51 18.81
CA GLY A 73 14.49 9.64 17.72
C GLY A 73 14.83 8.61 16.60
N ASP A 74 16.09 8.35 16.36
CA ASP A 74 16.46 7.28 15.37
C ASP A 74 15.96 5.90 15.81
N ALA A 75 16.06 5.60 17.12
CA ALA A 75 15.68 4.27 17.60
C ALA A 75 14.13 4.14 17.55
N ILE A 76 13.41 5.24 17.80
CA ILE A 76 11.95 5.25 17.65
C ILE A 76 11.59 5.02 16.16
N ALA A 77 12.28 5.73 15.23
CA ALA A 77 11.97 5.45 13.81
C ALA A 77 12.24 4.02 13.37
N THR A 78 13.35 3.44 13.85
CA THR A 78 13.73 2.08 13.52
C THR A 78 12.70 1.10 14.09
N ALA A 79 12.30 1.31 15.35
CA ALA A 79 11.27 0.49 15.95
C ALA A 79 10.01 0.52 15.12
N SER A 80 9.59 1.68 14.73
CA SER A 80 8.42 1.79 13.95
C SER A 80 8.46 1.00 12.60
N LYS A 81 9.58 1.08 11.91
CA LYS A 81 9.69 0.48 10.61
C LYS A 81 9.67 -1.06 10.83
N ALA A 82 10.28 -1.52 11.91
CA ALA A 82 10.35 -2.97 12.20
C ALA A 82 8.93 -3.45 12.59
N LEU A 83 8.17 -2.62 13.34
CA LEU A 83 6.81 -3.05 13.74
C LEU A 83 5.93 -3.10 12.47
N CYS A 84 6.07 -2.13 11.60
CA CYS A 84 5.29 -2.12 10.35
C CYS A 84 5.61 -3.34 9.48
N GLY A 85 6.91 -3.56 9.29
CA GLY A 85 7.39 -4.85 8.73
C GLY A 85 6.83 -6.14 9.32
N PHE A 86 6.97 -6.30 10.62
CA PHE A 86 6.39 -7.35 11.34
C PHE A 86 4.90 -7.56 11.04
N THR A 87 4.12 -6.47 11.03
CA THR A 87 2.66 -6.52 10.87
C THR A 87 2.30 -6.91 9.43
N GLU A 88 3.03 -6.37 8.47
CA GLU A 88 2.75 -6.72 7.07
C GLU A 88 2.96 -8.22 6.89
N ALA A 89 4.03 -8.76 7.50
CA ALA A 89 4.34 -10.20 7.38
C ALA A 89 3.32 -11.06 8.13
N ALA A 90 2.94 -10.62 9.32
CA ALA A 90 1.97 -11.35 10.15
C ALA A 90 0.58 -11.34 9.44
N ALA A 91 0.13 -10.22 8.90
CA ALA A 91 -1.19 -10.12 8.31
C ALA A 91 -1.25 -11.02 7.03
N GLN A 92 -0.15 -11.03 6.27
CA GLN A 92 -0.04 -11.86 5.09
C GLN A 92 -0.07 -13.36 5.54
N ALA A 93 0.71 -13.71 6.58
CA ALA A 93 0.77 -15.09 7.01
C ALA A 93 -0.66 -15.51 7.49
N ALA A 94 -1.34 -14.62 8.21
CA ALA A 94 -2.65 -14.91 8.76
C ALA A 94 -3.61 -15.22 7.58
N TYR A 95 -3.61 -14.35 6.58
CA TYR A 95 -4.40 -14.62 5.36
C TYR A 95 -4.10 -15.98 4.71
N LEU A 96 -2.83 -16.28 4.49
CA LEU A 96 -2.39 -17.56 3.94
C LEU A 96 -2.91 -18.76 4.76
N VAL A 97 -2.88 -18.61 6.08
CA VAL A 97 -3.39 -19.67 6.92
C VAL A 97 -4.90 -19.80 6.78
N GLY A 98 -5.60 -18.66 6.80
CA GLY A 98 -7.07 -18.74 6.91
C GLY A 98 -7.64 -19.28 5.58
N VAL A 99 -6.99 -18.96 4.46
CA VAL A 99 -7.54 -19.44 3.19
C VAL A 99 -7.19 -20.89 2.88
N SER A 100 -6.32 -21.52 3.67
CA SER A 100 -5.75 -22.77 3.25
C SER A 100 -6.59 -23.96 3.74
N ASP A 101 -7.51 -23.65 4.63
CA ASP A 101 -8.58 -24.51 5.15
C ASP A 101 -9.51 -25.10 4.01
N PRO A 102 -9.87 -26.39 4.08
CA PRO A 102 -10.69 -26.94 2.95
C PRO A 102 -12.06 -26.23 2.75
N ASN A 103 -12.59 -25.61 3.79
CA ASN A 103 -13.81 -24.85 3.67
C ASN A 103 -13.74 -23.34 3.40
N SER A 104 -12.55 -22.80 3.10
CA SER A 104 -12.39 -21.36 2.87
C SER A 104 -12.18 -21.20 1.39
N GLN A 105 -12.49 -20.05 0.81
CA GLN A 105 -12.11 -19.80 -0.58
C GLN A 105 -11.20 -18.55 -0.68
N ALA A 106 -10.05 -18.68 -1.32
CA ALA A 106 -9.11 -17.56 -1.50
C ALA A 106 -9.76 -16.30 -2.07
N GLY A 107 -9.18 -15.13 -1.73
CA GLY A 107 -9.60 -13.86 -2.31
C GLY A 107 -9.31 -13.81 -3.81
N GLN A 108 -10.18 -13.18 -4.60
CA GLN A 108 -9.87 -12.91 -6.04
C GLN A 108 -9.75 -11.42 -6.26
N GLN A 109 -8.64 -11.02 -6.86
CA GLN A 109 -8.42 -9.61 -7.20
C GLN A 109 -9.26 -9.23 -8.42
N GLY A 110 -9.79 -7.99 -8.43
CA GLY A 110 -10.55 -7.49 -9.58
C GLY A 110 -9.77 -7.57 -10.89
N LEU A 111 -10.48 -7.55 -12.01
CA LEU A 111 -9.80 -7.68 -13.30
C LEU A 111 -8.90 -6.50 -13.66
N VAL A 112 -9.36 -5.28 -13.36
CA VAL A 112 -8.55 -4.07 -13.59
C VAL A 112 -8.12 -3.38 -12.25
N GLU A 113 -8.16 -2.04 -12.10
CA GLU A 113 -7.57 -1.44 -10.88
C GLU A 113 -8.45 -1.12 -9.65
N PRO A 114 -9.59 -0.41 -9.83
CA PRO A 114 -9.98 0.43 -10.96
C PRO A 114 -9.72 1.93 -10.67
N THR A 115 -8.77 2.22 -9.76
CA THR A 115 -8.19 3.56 -9.59
C THR A 115 -7.46 4.05 -10.85
N GLN A 116 -6.89 3.12 -11.60
CA GLN A 116 -6.23 3.41 -12.87
C GLN A 116 -7.10 4.21 -13.85
N PHE A 117 -8.42 4.10 -13.71
CA PHE A 117 -9.38 4.77 -14.62
C PHE A 117 -9.77 6.17 -14.22
N ALA A 118 -9.97 6.41 -12.92
CA ALA A 118 -10.07 7.78 -12.42
C ALA A 118 -8.81 8.55 -12.84
N ARG A 119 -7.62 7.96 -12.63
CA ARG A 119 -6.34 8.59 -12.98
C ARG A 119 -6.14 8.93 -14.49
N ALA A 120 -6.54 7.99 -15.36
CA ALA A 120 -6.49 8.26 -16.79
C ALA A 120 -7.39 9.46 -17.15
N ASN A 121 -8.64 9.43 -16.67
CA ASN A 121 -9.66 10.42 -17.03
C ASN A 121 -9.31 11.82 -16.52
N GLN A 122 -8.66 11.87 -15.35
CA GLN A 122 -8.03 13.08 -14.78
C GLN A 122 -6.89 13.63 -15.62
N ALA A 123 -5.95 12.76 -16.05
CA ALA A 123 -4.92 13.15 -17.04
C ALA A 123 -5.53 13.81 -18.31
N ILE A 124 -6.53 13.14 -18.90
CA ILE A 124 -7.23 13.70 -20.06
C ILE A 124 -7.86 15.09 -19.80
N GLN A 125 -8.65 15.20 -18.74
CA GLN A 125 -9.20 16.53 -18.34
C GLN A 125 -8.11 17.59 -18.15
N MET A 126 -7.00 17.20 -17.50
CA MET A 126 -5.82 18.09 -17.32
C MET A 126 -5.17 18.51 -18.64
N ALA A 127 -4.99 17.56 -19.57
CA ALA A 127 -4.46 17.84 -20.91
C ALA A 127 -5.40 18.75 -21.72
N CYS A 128 -6.70 18.49 -21.69
CA CYS A 128 -7.72 19.38 -22.32
C CYS A 128 -7.67 20.81 -21.78
N GLN A 129 -7.53 20.95 -20.46
CA GLN A 129 -7.52 22.28 -19.86
C GLN A 129 -6.24 23.03 -20.31
N SER A 130 -5.10 22.33 -20.25
CA SER A 130 -3.80 22.85 -20.71
C SER A 130 -3.80 23.20 -22.20
N LEU A 131 -4.39 22.32 -23.03
CA LEU A 131 -4.47 22.60 -24.47
C LEU A 131 -5.39 23.80 -24.77
N GLY A 132 -6.44 23.97 -23.93
CA GLY A 132 -7.49 24.99 -24.16
C GLY A 132 -7.25 26.34 -23.50
N GLU A 133 -6.94 26.34 -22.21
CA GLU A 133 -6.75 27.58 -21.43
C GLU A 133 -5.38 28.29 -21.63
N PRO A 134 -5.39 29.64 -21.79
CA PRO A 134 -4.14 30.39 -22.05
C PRO A 134 -2.99 30.23 -21.02
N GLY A 135 -3.26 29.71 -19.83
CA GLY A 135 -2.19 29.63 -18.81
C GLY A 135 -1.22 28.43 -18.80
N CYS A 136 -0.49 28.16 -19.90
CA CYS A 136 0.56 27.12 -19.91
C CYS A 136 1.68 27.44 -20.94
N THR A 137 2.93 27.07 -20.63
CA THR A 137 4.07 27.18 -21.59
C THR A 137 4.01 26.04 -22.60
N GLN A 138 4.63 26.21 -23.77
CA GLN A 138 4.72 25.11 -24.73
C GLN A 138 5.12 23.77 -24.10
N ALA A 139 6.30 23.72 -23.49
CA ALA A 139 6.74 22.50 -22.78
C ALA A 139 5.64 21.87 -21.89
N GLN A 140 4.92 22.70 -21.14
CA GLN A 140 3.86 22.24 -20.21
C GLN A 140 2.56 21.65 -20.86
N VAL A 141 2.16 22.20 -22.01
CA VAL A 141 1.07 21.62 -22.81
C VAL A 141 1.50 20.22 -23.32
N LEU A 142 2.76 20.10 -23.76
CA LEU A 142 3.38 18.82 -24.16
C LEU A 142 3.48 17.71 -23.08
N SER A 143 3.87 18.09 -21.85
CA SER A 143 3.93 17.13 -20.74
C SER A 143 2.54 16.59 -20.41
N ALA A 144 1.57 17.50 -20.26
CA ALA A 144 0.17 17.15 -19.92
C ALA A 144 -0.51 16.25 -21.01
N ALA A 145 -0.17 16.48 -22.29
CA ALA A 145 -0.57 15.57 -23.37
C ALA A 145 0.14 14.16 -23.29
N THR A 146 1.48 14.13 -23.23
CA THR A 146 2.27 12.88 -23.07
C THR A 146 2.00 12.07 -21.78
N ILE A 147 1.66 12.72 -20.65
CA ILE A 147 1.24 11.92 -19.47
C ILE A 147 -0.07 11.12 -19.72
N VAL A 148 -1.02 11.72 -20.47
CA VAL A 148 -2.22 10.99 -20.97
C VAL A 148 -1.84 9.71 -21.74
N ALA A 149 -0.88 9.83 -22.67
CA ALA A 149 -0.36 8.69 -23.46
C ALA A 149 0.15 7.49 -22.59
N LYS A 150 0.77 7.80 -21.45
CA LYS A 150 1.31 6.76 -20.58
C LYS A 150 0.28 6.10 -19.67
N HIS A 151 -0.73 6.84 -19.24
CA HIS A 151 -1.86 6.23 -18.57
C HIS A 151 -2.57 5.27 -19.56
N THR A 152 -2.85 5.74 -20.78
CA THR A 152 -3.72 4.99 -21.68
C THR A 152 -2.99 3.79 -22.23
N SER A 153 -1.73 4.00 -22.59
CA SER A 153 -0.80 2.89 -22.88
C SER A 153 -0.75 1.77 -21.78
N ALA A 154 -0.81 2.14 -20.50
CA ALA A 154 -0.80 1.14 -19.42
C ALA A 154 -2.19 0.51 -19.25
N LEU A 155 -3.22 1.23 -19.70
CA LEU A 155 -4.56 0.69 -19.72
C LEU A 155 -4.64 -0.49 -20.73
N CYS A 156 -3.80 -0.46 -21.75
CA CYS A 156 -3.73 -1.56 -22.70
C CYS A 156 -3.19 -2.86 -22.05
N ASN A 157 -2.20 -2.71 -21.16
CA ASN A 157 -1.63 -3.86 -20.50
C ASN A 157 -2.66 -4.44 -19.59
N SER A 158 -3.39 -3.58 -18.89
CA SER A 158 -4.51 -4.03 -18.03
C SER A 158 -5.63 -4.79 -18.81
N CYS A 159 -5.99 -4.31 -20.00
CA CYS A 159 -6.98 -5.02 -20.84
C CYS A 159 -6.58 -6.43 -21.14
N ARG A 160 -5.39 -6.52 -21.71
CA ARG A 160 -4.69 -7.75 -21.96
C ARG A 160 -4.82 -8.75 -20.76
N LEU A 161 -4.29 -8.33 -19.60
CA LEU A 161 -4.33 -9.16 -18.40
C LEU A 161 -5.76 -9.40 -17.97
N ALA A 162 -6.64 -8.45 -18.23
CA ALA A 162 -8.04 -8.67 -17.92
C ALA A 162 -8.65 -9.83 -18.74
N SER A 163 -8.48 -9.75 -20.06
CA SER A 163 -8.94 -10.78 -21.01
C SER A 163 -8.18 -12.09 -20.81
N ALA A 164 -6.86 -12.03 -20.86
CA ALA A 164 -6.01 -13.23 -20.71
C ALA A 164 -6.00 -13.70 -19.26
N ARG A 165 -7.18 -13.69 -18.61
CA ARG A 165 -7.42 -14.23 -17.27
C ARG A 165 -8.91 -14.15 -16.82
N THR A 166 -9.82 -13.63 -17.65
CA THR A 166 -11.23 -13.49 -17.21
C THR A 166 -12.13 -14.72 -17.38
N ALA A 167 -11.67 -15.76 -18.09
CA ALA A 167 -12.55 -16.88 -18.54
C ALA A 167 -13.79 -16.37 -19.33
N ASN A 168 -14.76 -15.81 -18.63
CA ASN A 168 -15.85 -15.00 -19.23
C ASN A 168 -15.51 -14.23 -20.56
N PRO A 169 -15.95 -14.79 -21.71
CA PRO A 169 -15.49 -14.42 -23.10
C PRO A 169 -16.03 -13.09 -23.65
N THR A 170 -17.27 -12.78 -23.28
CA THR A 170 -17.96 -11.52 -23.58
C THR A 170 -17.11 -10.33 -23.07
N ALA A 171 -16.58 -10.48 -21.85
CA ALA A 171 -15.58 -9.58 -21.23
C ALA A 171 -14.21 -9.65 -21.92
N LYS A 172 -13.74 -10.88 -22.19
CA LYS A 172 -12.46 -11.11 -22.84
C LYS A 172 -12.38 -10.36 -24.18
N ARG A 173 -13.50 -10.33 -24.92
CA ARG A 173 -13.63 -9.69 -26.20
C ARG A 173 -13.76 -8.18 -26.02
N GLN A 174 -14.53 -7.71 -25.04
CA GLN A 174 -14.51 -6.24 -24.81
C GLN A 174 -13.10 -5.73 -24.48
N PHE A 175 -12.33 -6.53 -23.75
CA PHE A 175 -10.98 -6.19 -23.29
C PHE A 175 -9.96 -6.29 -24.43
N VAL A 176 -10.10 -7.30 -25.30
CA VAL A 176 -9.27 -7.36 -26.54
C VAL A 176 -9.66 -6.19 -27.45
N GLN A 177 -10.97 -6.00 -27.65
CA GLN A 177 -11.45 -4.89 -28.48
C GLN A 177 -11.02 -3.56 -27.89
N SER A 178 -11.26 -3.39 -26.58
CA SER A 178 -10.85 -2.18 -25.87
C SER A 178 -9.40 -1.87 -26.08
N ALA A 179 -8.56 -2.89 -26.00
CA ALA A 179 -7.10 -2.69 -26.14
C ALA A 179 -6.77 -2.07 -27.47
N LYS A 180 -7.47 -2.54 -28.51
CA LYS A 180 -7.26 -2.02 -29.85
C LYS A 180 -7.77 -0.56 -29.95
N GLU A 181 -8.93 -0.28 -29.40
CA GLU A 181 -9.44 1.08 -29.53
C GLU A 181 -8.53 2.04 -28.81
N VAL A 182 -8.12 1.66 -27.59
CA VAL A 182 -7.26 2.53 -26.81
C VAL A 182 -5.92 2.61 -27.51
N ALA A 183 -5.40 1.47 -28.02
CA ALA A 183 -4.08 1.51 -28.69
C ALA A 183 -4.13 2.36 -29.94
N ASN A 184 -5.18 2.19 -30.73
CA ASN A 184 -5.34 2.99 -31.95
C ASN A 184 -5.55 4.51 -31.62
N SER A 185 -6.42 4.81 -30.64
CA SER A 185 -6.65 6.24 -30.22
C SER A 185 -5.40 6.82 -29.62
N THR A 186 -4.73 6.03 -28.78
CA THR A 186 -3.50 6.50 -28.14
C THR A 186 -2.37 6.70 -29.13
N ALA A 187 -2.27 5.86 -30.15
CA ALA A 187 -1.24 6.09 -31.20
C ALA A 187 -1.55 7.35 -31.99
N ASN A 188 -2.84 7.54 -32.24
CA ASN A 188 -3.29 8.72 -32.95
C ASN A 188 -2.90 10.01 -32.15
N LEU A 189 -3.15 10.00 -30.84
CA LEU A 189 -2.84 11.14 -30.00
C LEU A 189 -1.33 11.42 -30.04
N VAL A 190 -0.52 10.38 -29.80
CA VAL A 190 0.94 10.46 -29.85
C VAL A 190 1.40 11.12 -31.14
N LYS A 191 0.76 10.74 -32.25
CA LYS A 191 1.10 11.33 -33.51
C LYS A 191 0.86 12.86 -33.50
N THR A 192 -0.31 13.27 -33.02
CA THR A 192 -0.66 14.71 -32.97
C THR A 192 0.32 15.46 -32.06
N ILE A 193 0.76 14.82 -30.96
CA ILE A 193 1.66 15.45 -30.00
C ILE A 193 3.01 15.71 -30.67
N LYS A 194 3.48 14.76 -31.48
CA LYS A 194 4.75 14.98 -32.18
C LYS A 194 4.61 16.11 -33.20
N ALA A 195 3.49 16.16 -33.92
CA ALA A 195 3.29 17.24 -34.89
C ALA A 195 3.25 18.62 -34.16
N LEU A 196 2.75 18.61 -32.92
CA LEU A 196 2.67 19.82 -32.13
C LEU A 196 4.05 20.30 -31.60
N ASP A 197 4.85 19.34 -31.09
CA ASP A 197 6.21 19.52 -30.56
C ASP A 197 7.24 19.55 -31.67
N GLY A 198 6.90 20.26 -32.74
CA GLY A 198 7.60 20.23 -34.03
C GLY A 198 7.15 21.45 -34.81
N ASP A 199 5.95 21.95 -34.50
CA ASP A 199 5.35 23.14 -35.14
C ASP A 199 4.18 23.52 -34.23
N PHE A 200 4.40 24.54 -33.39
CA PHE A 200 3.46 24.86 -32.32
C PHE A 200 2.49 25.96 -32.74
N THR A 201 1.46 25.56 -33.50
CA THR A 201 0.48 26.44 -34.15
C THR A 201 -0.91 26.20 -33.56
N GLU A 202 -1.85 27.08 -33.87
CA GLU A 202 -3.18 26.93 -33.34
C GLU A 202 -3.82 25.68 -33.97
N GLU A 203 -3.58 25.46 -35.23
CA GLU A 203 -4.16 24.24 -35.79
C GLU A 203 -3.55 22.91 -35.28
N ASN A 204 -2.24 22.83 -35.07
CA ASN A 204 -1.70 21.64 -34.42
C ASN A 204 -2.12 21.43 -33.00
N ARG A 205 -2.34 22.53 -32.28
CA ARG A 205 -2.94 22.46 -30.96
C ARG A 205 -4.38 21.94 -31.10
N ALA A 206 -5.13 22.40 -32.12
CA ALA A 206 -6.48 21.93 -32.37
C ALA A 206 -6.52 20.40 -32.77
N GLN A 207 -5.52 19.96 -33.48
CA GLN A 207 -5.36 18.53 -33.76
C GLN A 207 -5.17 17.71 -32.51
N CYS A 208 -4.27 18.12 -31.60
CA CYS A 208 -4.14 17.27 -30.39
C CYS A 208 -5.43 17.22 -29.62
N ARG A 209 -6.11 18.39 -29.52
CA ARG A 209 -7.37 18.44 -28.82
C ARG A 209 -8.39 17.41 -29.39
N ALA A 210 -8.62 17.48 -30.69
CA ALA A 210 -9.46 16.56 -31.46
C ALA A 210 -9.09 15.07 -31.11
N ALA A 211 -7.82 14.72 -31.24
CA ALA A 211 -7.28 13.37 -30.82
C ALA A 211 -7.64 12.88 -29.41
N THR A 212 -7.84 13.78 -28.43
CA THR A 212 -8.30 13.30 -27.13
C THR A 212 -9.76 12.79 -27.11
N ALA A 213 -10.66 13.32 -27.94
CA ALA A 213 -12.06 12.80 -27.83
C ALA A 213 -12.22 11.28 -28.16
N PRO A 214 -11.65 10.78 -29.29
CA PRO A 214 -11.84 9.33 -29.48
C PRO A 214 -11.17 8.54 -28.35
N LEU A 215 -9.98 8.98 -27.95
CA LEU A 215 -9.29 8.41 -26.81
C LEU A 215 -10.14 8.36 -25.51
N LEU A 216 -10.68 9.51 -25.12
CA LEU A 216 -11.54 9.62 -23.94
C LEU A 216 -12.79 8.77 -24.09
N GLU A 217 -13.41 8.78 -25.26
CA GLU A 217 -14.50 7.83 -25.49
C GLU A 217 -14.01 6.38 -25.30
N ALA A 218 -12.78 6.08 -25.71
CA ALA A 218 -12.25 4.69 -25.65
C ALA A 218 -11.97 4.30 -24.20
N VAL A 219 -11.46 5.26 -23.41
CA VAL A 219 -11.22 5.06 -21.97
C VAL A 219 -12.55 5.03 -21.25
N ASP A 220 -13.51 5.82 -21.68
CA ASP A 220 -14.87 5.70 -21.14
C ASP A 220 -15.60 4.39 -21.50
N ASN A 221 -15.50 3.87 -22.72
CA ASN A 221 -16.14 2.57 -22.96
C ASN A 221 -15.56 1.52 -21.99
N LEU A 222 -14.27 1.68 -21.69
CA LEU A 222 -13.49 0.72 -20.91
C LEU A 222 -13.61 1.01 -19.41
N SER A 223 -13.07 2.17 -18.99
CA SER A 223 -13.16 2.64 -17.60
C SER A 223 -14.54 2.44 -17.00
N ALA A 224 -15.58 2.82 -17.74
CA ALA A 224 -16.95 2.48 -17.33
C ALA A 224 -17.25 0.97 -17.33
N PHE A 225 -17.09 0.28 -18.47
CA PHE A 225 -17.41 -1.17 -18.53
C PHE A 225 -16.55 -2.13 -17.65
N ALA A 226 -15.34 -1.72 -17.27
CA ALA A 226 -14.47 -2.61 -16.51
C ALA A 226 -15.03 -2.81 -15.10
N SER A 227 -15.43 -1.71 -14.48
CA SER A 227 -16.00 -1.73 -13.14
C SER A 227 -17.48 -2.15 -13.11
N ASN A 228 -17.89 -3.06 -14.01
CA ASN A 228 -19.18 -3.76 -13.92
C ASN A 228 -19.20 -4.63 -12.64
N PRO A 229 -20.15 -5.61 -12.52
CA PRO A 229 -19.94 -6.55 -11.42
C PRO A 229 -18.78 -7.48 -11.80
N GLU A 230 -18.93 -8.80 -11.58
CA GLU A 230 -17.90 -9.83 -11.87
C GLU A 230 -16.51 -9.36 -12.30
N PHE A 231 -16.08 -8.21 -11.79
CA PHE A 231 -14.80 -7.64 -12.16
C PHE A 231 -14.14 -6.97 -10.98
N SER A 232 -14.95 -6.47 -10.02
CA SER A 232 -14.45 -6.04 -8.71
C SER A 232 -13.79 -7.27 -8.07
N SER A 233 -12.75 -7.05 -7.27
CA SER A 233 -12.18 -8.13 -6.45
C SER A 233 -13.23 -8.77 -5.58
N VAL A 234 -13.10 -10.07 -5.35
CA VAL A 234 -14.03 -10.82 -4.54
C VAL A 234 -13.27 -11.13 -3.25
N PRO A 235 -13.75 -10.64 -2.09
CA PRO A 235 -12.95 -10.99 -0.89
C PRO A 235 -12.90 -12.50 -0.60
N ALA A 236 -11.82 -12.98 0.05
CA ALA A 236 -11.80 -14.37 0.57
C ALA A 236 -13.04 -14.68 1.38
N GLN A 237 -13.42 -15.95 1.35
CA GLN A 237 -14.45 -16.40 2.24
C GLN A 237 -13.79 -17.39 3.19
N ILE A 238 -13.58 -16.93 4.41
CA ILE A 238 -12.81 -17.73 5.33
C ILE A 238 -13.80 -18.35 6.32
N SER A 239 -13.66 -19.65 6.44
CA SER A 239 -14.54 -20.49 7.21
C SER A 239 -14.28 -20.23 8.72
N PRO A 240 -15.23 -20.61 9.57
CA PRO A 240 -15.02 -20.56 11.03
C PRO A 240 -13.70 -21.25 11.43
N GLU A 241 -13.37 -22.38 10.80
CA GLU A 241 -12.13 -23.05 11.14
C GLU A 241 -10.89 -22.29 10.69
N GLY A 242 -10.94 -21.73 9.47
CA GLY A 242 -9.91 -20.80 8.99
C GLY A 242 -9.65 -19.63 9.93
N ARG A 243 -10.75 -19.03 10.38
CA ARG A 243 -10.69 -17.88 11.27
C ARG A 243 -10.04 -18.27 12.57
N ALA A 244 -10.38 -19.45 13.07
CA ALA A 244 -9.78 -19.91 14.34
C ALA A 244 -8.30 -20.25 14.18
N ALA A 245 -7.94 -20.76 13.00
CA ALA A 245 -6.57 -21.11 12.78
C ALA A 245 -5.70 -19.84 12.68
N MET A 246 -6.26 -18.77 12.08
CA MET A 246 -5.46 -17.54 11.87
C MET A 246 -5.38 -16.65 13.16
N GLU A 247 -6.32 -16.89 14.06
CA GLU A 247 -6.51 -16.03 15.20
C GLU A 247 -5.27 -15.90 16.09
N PRO A 248 -4.57 -16.99 16.41
CA PRO A 248 -3.37 -16.64 17.25
C PRO A 248 -2.31 -15.70 16.65
N ILE A 249 -2.10 -15.80 15.33
CA ILE A 249 -1.24 -14.87 14.65
C ILE A 249 -1.83 -13.46 14.75
N VAL A 250 -3.13 -13.35 14.45
CA VAL A 250 -3.75 -12.05 14.36
C VAL A 250 -3.77 -11.35 15.77
N ILE A 251 -4.14 -12.10 16.80
CA ILE A 251 -4.28 -11.42 18.11
C ILE A 251 -2.88 -11.05 18.73
N SER A 252 -1.92 -11.91 18.56
CA SER A 252 -0.60 -11.59 18.99
C SER A 252 0.01 -10.34 18.29
N ALA A 253 -0.19 -10.20 16.97
CA ALA A 253 0.20 -9.00 16.27
C ALA A 253 -0.53 -7.79 16.67
N LYS A 254 -1.82 -7.88 16.89
CA LYS A 254 -2.55 -6.71 17.40
C LYS A 254 -2.05 -6.27 18.81
N THR A 255 -1.83 -7.22 19.70
CA THR A 255 -1.48 -6.97 21.08
C THR A 255 -0.04 -6.35 21.02
N MET A 256 0.81 -6.88 20.12
CA MET A 256 2.17 -6.31 19.94
C MET A 256 2.04 -4.79 19.58
N LEU A 257 1.24 -4.49 18.57
CA LEU A 257 1.09 -3.11 18.18
C LEU A 257 0.51 -2.19 19.25
N GLU A 258 -0.57 -2.64 19.92
CA GLU A 258 -1.16 -1.88 20.99
C GLU A 258 -0.15 -1.55 22.16
N SER A 259 0.63 -2.52 22.62
CA SER A 259 1.62 -2.28 23.69
C SER A 259 2.85 -1.51 23.15
N ALA A 260 3.23 -1.71 21.89
CA ALA A 260 4.26 -0.86 21.29
C ALA A 260 3.84 0.60 21.26
N GLY A 261 2.56 0.86 21.00
CA GLY A 261 2.09 2.22 21.01
C GLY A 261 2.21 2.82 22.44
N GLY A 262 1.87 2.02 23.46
CA GLY A 262 1.98 2.48 24.86
C GLY A 262 3.50 2.72 25.16
N LEU A 263 4.39 1.85 24.61
CA LEU A 263 5.84 2.00 24.88
C LEU A 263 6.35 3.30 24.28
N ILE A 264 5.94 3.56 23.04
CA ILE A 264 6.40 4.78 22.43
C ILE A 264 5.79 6.04 23.04
N GLN A 265 4.50 6.01 23.36
CA GLN A 265 3.90 7.15 23.94
C GLN A 265 4.54 7.55 25.28
N THR A 266 4.90 6.56 26.05
CA THR A 266 5.47 6.74 27.34
C THR A 266 6.94 7.21 27.18
N ALA A 267 7.67 6.64 26.22
CA ALA A 267 9.07 7.04 25.89
C ALA A 267 9.12 8.51 25.47
N ARG A 268 8.10 8.96 24.73
CA ARG A 268 8.02 10.35 24.28
C ARG A 268 8.11 11.38 25.48
N ALA A 269 7.52 11.01 26.61
CA ALA A 269 7.58 11.86 27.87
C ALA A 269 8.91 11.62 28.57
N LEU A 270 9.39 10.36 28.60
CA LEU A 270 10.57 10.06 29.37
C LEU A 270 11.80 10.74 28.73
N ALA A 271 11.77 10.96 27.41
CA ALA A 271 12.89 11.54 26.71
C ALA A 271 13.04 12.97 27.18
N VAL A 272 11.94 13.61 27.58
CA VAL A 272 12.02 15.03 28.07
C VAL A 272 12.37 15.03 29.57
N ASN A 273 11.77 14.11 30.32
CA ASN A 273 12.06 13.96 31.76
C ASN A 273 12.16 12.50 32.17
N PRO A 274 13.39 11.96 32.23
CA PRO A 274 13.51 10.56 32.54
C PRO A 274 13.54 10.31 34.05
N ARG A 275 13.32 11.31 34.88
CA ARG A 275 13.35 11.03 36.35
C ARG A 275 11.85 10.77 36.74
N ASP A 276 11.36 9.55 36.51
CA ASP A 276 9.89 9.34 36.60
C ASP A 276 9.74 7.83 36.74
N PRO A 277 9.83 7.35 37.97
CA PRO A 277 9.65 5.92 38.14
C PRO A 277 8.26 5.39 37.66
N PRO A 278 7.15 6.13 37.87
CA PRO A 278 5.83 5.55 37.40
C PRO A 278 5.90 5.32 35.86
N ARG A 279 6.46 6.26 35.09
CA ARG A 279 6.52 6.06 33.61
C ARG A 279 7.55 4.96 33.18
N TRP A 280 8.70 4.77 33.86
CA TRP A 280 9.56 3.68 33.57
C TRP A 280 8.83 2.33 33.83
N SER A 281 8.09 2.25 34.91
CA SER A 281 7.31 1.04 35.23
C SER A 281 6.23 0.76 34.17
N VAL A 282 5.52 1.81 33.73
CA VAL A 282 4.54 1.68 32.62
C VAL A 282 5.19 1.21 31.31
N LEU A 283 6.30 1.83 30.97
CA LEU A 283 7.09 1.44 29.80
C LEU A 283 7.53 0.02 29.89
N ALA A 284 8.05 -0.41 31.05
CA ALA A 284 8.49 -1.80 31.20
C ALA A 284 7.35 -2.78 31.02
N GLY A 285 6.16 -2.45 31.52
CA GLY A 285 4.97 -3.27 31.31
C GLY A 285 4.60 -3.41 29.86
N HIS A 286 4.67 -2.28 29.11
CA HIS A 286 4.38 -2.36 27.72
C HIS A 286 5.43 -3.18 27.02
N SER A 287 6.69 -2.92 27.33
CA SER A 287 7.82 -3.66 26.72
C SER A 287 7.70 -5.19 26.94
N ARG A 288 7.38 -5.62 28.15
CA ARG A 288 7.17 -7.06 28.42
C ARG A 288 6.02 -7.66 27.52
N THR A 289 4.91 -6.93 27.37
CA THR A 289 3.85 -7.37 26.51
C THR A 289 4.22 -7.42 25.00
N VAL A 290 5.04 -6.46 24.55
CA VAL A 290 5.47 -6.42 23.16
C VAL A 290 6.35 -7.71 23.00
N SER A 291 7.24 -7.98 23.96
CA SER A 291 8.09 -9.20 23.87
C SER A 291 7.33 -10.50 23.98
N ASP A 292 6.36 -10.58 24.89
CA ASP A 292 5.52 -11.78 25.00
C ASP A 292 4.72 -12.03 23.72
N SER A 293 4.06 -10.98 23.22
CA SER A 293 3.35 -11.04 21.94
C SER A 293 4.16 -11.60 20.79
N ILE A 294 5.39 -11.12 20.62
CA ILE A 294 6.23 -11.50 19.51
C ILE A 294 6.65 -12.96 19.66
N LYS A 295 7.01 -13.38 20.89
CA LYS A 295 7.24 -14.80 21.19
C LYS A 295 6.07 -15.66 20.82
N LYS A 296 4.86 -15.29 21.25
CA LYS A 296 3.67 -16.03 20.86
C LYS A 296 3.45 -16.08 19.36
N LEU A 297 3.63 -14.96 18.69
CA LEU A 297 3.43 -14.92 17.28
C LEU A 297 4.44 -15.84 16.57
N ILE A 298 5.70 -15.75 16.95
CA ILE A 298 6.72 -16.60 16.41
C ILE A 298 6.39 -18.11 16.65
N THR A 299 6.11 -18.48 17.88
CA THR A 299 5.68 -19.80 18.18
C THR A 299 4.51 -20.31 17.33
N SER A 300 3.55 -19.43 17.11
CA SER A 300 2.34 -19.80 16.40
C SER A 300 2.65 -19.99 14.92
N MET A 301 3.45 -19.08 14.35
CA MET A 301 3.90 -19.24 12.99
C MET A 301 4.77 -20.49 12.75
N ARG A 302 5.63 -20.82 13.72
CA ARG A 302 6.43 -22.03 13.61
C ARG A 302 5.59 -23.34 13.77
N ASP A 303 4.56 -23.34 14.62
CA ASP A 303 3.67 -24.47 14.78
C ASP A 303 2.98 -24.78 13.45
N LYS A 304 2.65 -23.75 12.68
CA LYS A 304 1.93 -23.98 11.43
C LYS A 304 2.79 -24.15 10.21
N ALA A 305 4.05 -23.72 10.31
CA ALA A 305 4.98 -23.69 9.21
C ALA A 305 5.16 -25.10 8.49
N PRO A 306 5.10 -26.22 9.23
CA PRO A 306 5.29 -27.53 8.49
C PRO A 306 4.32 -27.72 7.33
N GLY A 307 3.14 -27.09 7.38
CA GLY A 307 2.15 -27.20 6.31
C GLY A 307 2.53 -26.48 5.05
N GLN A 308 3.61 -25.69 5.11
CA GLN A 308 3.89 -24.79 4.01
C GLN A 308 5.18 -25.11 3.29
N LEU A 309 5.72 -26.27 3.58
CA LEU A 309 7.05 -26.77 3.09
C LEU A 309 7.11 -27.31 1.64
#